data_6UAS
#
_entry.id   6UAS
#
_cell.length_a   36.680
_cell.length_b   79.347
_cell.length_c   46.152
_cell.angle_alpha   90.000
_cell.angle_beta   103.110
_cell.angle_gamma   90.000
#
_symmetry.space_group_name_H-M   'P 1 21 1'
#
loop_
_entity.id
_entity.type
_entity.pdbx_description
1 polymer 'Glycoside Hydrolase'
2 branched beta-D-glucopyranose-(1-3)-beta-D-glucopyranose-(1-3)-beta-D-glucopyranose-(1-3)-beta-D-glucopyranose-(1-3)-alpha-D-glucopyranose
3 non-polymer beta-D-glucopyranose
4 non-polymer 'ZINC ION'
5 non-polymer DI(HYDROXYETHYL)ETHER
6 water water
#
_entity_poly.entity_id   1
_entity_poly.type   'polypeptide(L)'
_entity_poly.pdbx_seq_one_letter_code
;MGSSHHHHHHSSGLVPAGSHMAGTKKGVSAAAFSGVTAALGDVGARWFYTWAADPQGITAPAGTEFVPMIWGRDSVTADQ
LQRAKAAGSTLLAFNEPDLAGQANMSVETALDLWPQLQATGMRLGAPAVAYGGDTPGGWLDRFMSGAAARGYRVDFIPLH
WYGGDFSAAATGQLQSYLQAVYNRYHRPIWLTAYALTDFSGSTPRYPSAAEQADFVSRSTAMLNGLSFVERYAWFSLSTS
TTPTGLYTGTTPNSSGVAYRAAG
;
_entity_poly.pdbx_strand_id   A
#
loop_
_chem_comp.id
_chem_comp.type
_chem_comp.name
_chem_comp.formula
BGC D-saccharide, beta linking beta-D-glucopyranose 'C6 H12 O6'
GLC D-saccharide, alpha linking alpha-D-glucopyranose 'C6 H12 O6'
PEG non-polymer DI(HYDROXYETHYL)ETHER 'C4 H10 O3'
ZN non-polymer 'ZINC ION' 'Zn 2'
#
# COMPACT_ATOMS: atom_id res chain seq x y z
N GLY A 23 1.16 -16.36 -6.54
CA GLY A 23 2.11 -16.51 -5.40
C GLY A 23 2.73 -15.17 -5.10
N THR A 24 3.03 -14.43 -6.16
CA THR A 24 3.82 -13.18 -6.09
C THR A 24 3.00 -12.02 -5.48
N LYS A 25 1.68 -12.13 -5.24
CA LYS A 25 0.92 -10.88 -4.88
C LYS A 25 1.21 -10.41 -3.43
N LYS A 26 1.32 -11.34 -2.48
CA LYS A 26 1.20 -11.01 -1.02
C LYS A 26 2.46 -10.32 -0.51
N GLY A 27 2.29 -9.14 0.10
CA GLY A 27 3.33 -8.38 0.79
C GLY A 27 2.86 -7.71 2.08
N VAL A 28 3.66 -6.78 2.63
CA VAL A 28 3.27 -6.09 3.87
C VAL A 28 4.14 -4.84 4.01
N SER A 29 3.63 -3.85 4.74
CA SER A 29 4.39 -2.69 5.24
C SER A 29 5.11 -3.10 6.55
N ALA A 30 6.29 -2.54 6.85
CA ALA A 30 7.09 -2.95 8.04
C ALA A 30 7.97 -1.81 8.53
N ALA A 31 8.26 -1.84 9.84
CA ALA A 31 9.38 -1.09 10.50
C ALA A 31 10.30 -2.09 11.19
N ALA A 32 11.55 -1.71 11.47
CA ALA A 32 12.59 -2.62 11.96
C ALA A 32 12.26 -3.04 13.42
N PHE A 33 12.78 -4.18 13.84
CA PHE A 33 12.74 -4.72 15.22
C PHE A 33 13.51 -6.05 15.15
N SER A 34 14.02 -6.50 16.29
CA SER A 34 14.69 -7.82 16.39
C SER A 34 13.63 -8.91 16.07
N GLY A 35 13.82 -9.69 14.99
CA GLY A 35 12.84 -10.68 14.48
C GLY A 35 12.12 -10.23 13.20
N VAL A 36 12.21 -8.97 12.78
CA VAL A 36 11.46 -8.45 11.60
C VAL A 36 11.76 -9.34 10.38
N THR A 37 13.01 -9.77 10.19
CA THR A 37 13.44 -10.64 9.07
C THR A 37 12.70 -11.98 9.12
N ALA A 38 12.77 -12.69 10.24
CA ALA A 38 12.13 -14.03 10.41
C ALA A 38 10.61 -13.92 10.27
N ALA A 39 10.02 -12.85 10.80
CA ALA A 39 8.57 -12.53 10.61
C ALA A 39 8.24 -12.38 9.10
N LEU A 40 8.99 -11.56 8.35
CA LEU A 40 8.75 -11.40 6.91
C LEU A 40 8.86 -12.78 6.23
N GLY A 41 9.90 -13.54 6.53
CA GLY A 41 10.08 -14.91 5.96
C GLY A 41 8.92 -15.88 6.31
N ASP A 42 8.54 -15.96 7.58
CA ASP A 42 7.56 -16.94 8.10
C ASP A 42 6.16 -16.61 7.56
N VAL A 43 5.81 -15.31 7.47
CA VAL A 43 4.46 -14.88 6.95
C VAL A 43 4.38 -15.09 5.43
N GLY A 44 5.49 -15.27 4.73
CA GLY A 44 5.45 -15.57 3.29
C GLY A 44 5.34 -14.33 2.40
N ALA A 45 5.72 -13.15 2.89
CA ALA A 45 5.73 -11.91 2.09
C ALA A 45 6.69 -12.08 0.90
N ARG A 46 6.17 -11.86 -0.31
CA ARG A 46 6.95 -11.88 -1.57
C ARG A 46 7.59 -10.51 -1.77
N TRP A 47 7.04 -9.47 -1.11
CA TRP A 47 7.51 -8.07 -1.22
C TRP A 47 7.15 -7.29 0.06
N PHE A 48 7.86 -6.17 0.28
CA PHE A 48 7.56 -5.28 1.41
C PHE A 48 7.99 -3.86 1.05
N TYR A 49 7.49 -2.90 1.84
CA TYR A 49 7.93 -1.49 1.80
C TYR A 49 7.90 -0.90 3.22
N THR A 50 8.54 0.25 3.40
CA THR A 50 8.91 0.82 4.70
C THR A 50 8.52 2.31 4.74
N TRP A 51 7.79 2.78 3.73
CA TRP A 51 7.37 4.19 3.56
C TRP A 51 8.58 5.08 3.30
N ALA A 52 9.73 4.46 2.91
CA ALA A 52 10.99 5.19 2.66
C ALA A 52 11.70 4.63 1.42
N ALA A 53 12.80 5.30 1.07
CA ALA A 53 13.53 5.02 -0.18
C ALA A 53 14.40 3.75 -0.05
N ASP A 54 14.63 3.27 1.16
CA ASP A 54 15.45 2.07 1.38
C ASP A 54 14.86 1.25 2.52
N PRO A 55 15.37 0.02 2.79
CA PRO A 55 14.76 -0.85 3.82
C PRO A 55 14.82 -0.35 5.28
N GLN A 56 15.40 0.83 5.55
CA GLN A 56 15.47 1.44 6.91
C GLN A 56 16.12 0.42 7.90
N GLY A 57 17.21 -0.26 7.52
CA GLY A 57 17.96 -1.19 8.36
C GLY A 57 17.42 -2.62 8.42
N ILE A 58 16.34 -2.89 7.70
CA ILE A 58 15.74 -4.25 7.68
C ILE A 58 16.52 -5.12 6.68
N THR A 59 16.86 -6.36 7.04
CA THR A 59 17.43 -7.37 6.10
C THR A 59 16.27 -8.15 5.47
N ALA A 60 16.16 -8.14 4.14
CA ALA A 60 15.11 -8.90 3.43
C ALA A 60 15.44 -10.39 3.51
N PRO A 61 14.46 -11.25 3.80
CA PRO A 61 14.59 -12.68 3.60
C PRO A 61 14.82 -13.01 2.10
N ALA A 62 15.35 -14.19 1.81
CA ALA A 62 15.72 -14.59 0.42
C ALA A 62 14.41 -14.70 -0.34
N GLY A 63 14.35 -14.12 -1.55
CA GLY A 63 13.14 -14.10 -2.41
C GLY A 63 12.06 -13.07 -2.04
N THR A 64 12.34 -12.16 -1.08
CA THR A 64 11.46 -11.05 -0.71
C THR A 64 12.00 -9.73 -1.29
N GLU A 65 11.19 -9.07 -2.12
CA GLU A 65 11.62 -7.87 -2.88
C GLU A 65 11.25 -6.62 -2.07
N PHE A 66 12.20 -5.77 -1.81
CA PHE A 66 12.02 -4.42 -1.24
C PHE A 66 11.48 -3.48 -2.33
N VAL A 67 10.44 -2.69 -2.04
CA VAL A 67 9.90 -1.61 -2.94
C VAL A 67 10.10 -0.25 -2.29
N PRO A 68 11.01 0.59 -2.83
CA PRO A 68 11.14 1.97 -2.34
C PRO A 68 9.92 2.89 -2.54
N MET A 69 9.82 3.88 -1.64
CA MET A 69 8.81 4.97 -1.66
C MET A 69 9.44 6.36 -1.50
N ILE A 70 8.99 7.30 -2.37
CA ILE A 70 9.23 8.75 -2.24
C ILE A 70 7.98 9.28 -1.54
N TRP A 71 8.11 9.51 -0.23
CA TRP A 71 6.93 9.68 0.67
C TRP A 71 6.23 11.03 0.40
N GLY A 72 6.99 12.11 0.24
CA GLY A 72 6.42 13.46 0.22
C GLY A 72 7.29 14.41 -0.54
N ARG A 73 6.79 15.64 -0.66
CA ARG A 73 7.43 16.75 -1.39
C ARG A 73 8.93 16.85 -1.05
N ASP A 74 9.28 16.74 0.21
CA ASP A 74 10.67 17.00 0.65
C ASP A 74 11.51 15.72 0.51
N SER A 75 10.91 14.60 0.05
CA SER A 75 11.63 13.34 -0.26
C SER A 75 12.24 13.43 -1.67
N VAL A 76 11.84 14.44 -2.45
CA VAL A 76 12.29 14.50 -3.86
C VAL A 76 13.65 15.20 -3.90
N THR A 77 14.70 14.43 -3.63
CA THR A 77 16.11 14.92 -3.71
C THR A 77 16.95 13.97 -4.52
N ALA A 78 18.11 14.46 -5.01
CA ALA A 78 19.08 13.59 -5.71
C ALA A 78 19.46 12.42 -4.77
N ASP A 79 19.65 12.63 -3.45
CA ASP A 79 20.14 11.49 -2.63
C ASP A 79 19.01 10.48 -2.51
N GLN A 80 17.76 10.89 -2.31
CA GLN A 80 16.68 9.88 -2.11
C GLN A 80 16.43 9.09 -3.41
N LEU A 81 16.39 9.76 -4.55
CA LEU A 81 16.13 9.09 -5.84
C LEU A 81 17.28 8.11 -6.19
N GLN A 82 18.53 8.45 -5.89
CA GLN A 82 19.69 7.54 -6.11
C GLN A 82 19.55 6.34 -5.16
N ARG A 83 19.26 6.57 -3.88
CA ARG A 83 19.07 5.49 -2.89
C ARG A 83 17.96 4.53 -3.35
N ALA A 84 16.85 5.08 -3.84
CA ALA A 84 15.70 4.28 -4.32
C ALA A 84 16.14 3.39 -5.51
N LYS A 85 16.79 4.00 -6.51
CA LYS A 85 17.19 3.22 -7.72
C LYS A 85 18.20 2.13 -7.30
N ALA A 86 19.08 2.41 -6.33
CA ALA A 86 20.03 1.37 -5.86
C ALA A 86 19.31 0.27 -5.05
N ALA A 87 18.18 0.52 -4.39
CA ALA A 87 17.55 -0.42 -3.43
C ALA A 87 16.47 -1.28 -4.12
N GLY A 88 15.98 -0.96 -5.31
CA GLY A 88 14.94 -1.78 -5.98
C GLY A 88 14.69 -1.41 -7.42
N SER A 89 13.65 -2.00 -8.03
CA SER A 89 13.32 -1.83 -9.48
C SER A 89 11.99 -1.06 -9.69
N THR A 90 11.13 -0.99 -8.66
CA THR A 90 9.76 -0.42 -8.65
C THR A 90 9.74 0.69 -7.58
N LEU A 91 9.14 1.83 -7.90
CA LEU A 91 9.11 3.03 -7.05
C LEU A 91 7.62 3.40 -6.77
N LEU A 92 7.29 3.56 -5.50
CA LEU A 92 5.95 4.11 -5.07
C LEU A 92 6.11 5.60 -4.81
N ALA A 93 5.19 6.40 -5.35
CA ALA A 93 5.20 7.86 -5.17
C ALA A 93 4.41 8.21 -3.89
N PHE A 94 4.00 9.47 -3.76
CA PHE A 94 3.75 10.13 -2.47
C PHE A 94 2.60 9.44 -1.67
N ASN A 95 2.67 9.45 -0.36
CA ASN A 95 1.70 8.74 0.54
C ASN A 95 0.57 9.68 1.03
N GLU A 96 -0.65 9.38 0.58
CA GLU A 96 -1.87 10.14 0.88
C GLU A 96 -1.59 11.66 0.75
N PRO A 97 -1.25 12.20 -0.45
CA PRO A 97 -1.19 13.65 -0.63
C PRO A 97 -2.51 14.40 -0.39
N ASP A 98 -3.64 13.71 -0.44
CA ASP A 98 -5.00 14.27 -0.26
C ASP A 98 -5.29 14.59 1.23
N LEU A 99 -4.46 14.17 2.19
CA LEU A 99 -4.69 14.34 3.65
C LEU A 99 -3.69 15.34 4.25
N ALA A 100 -4.19 16.30 5.06
CA ALA A 100 -3.39 17.34 5.74
C ALA A 100 -2.35 16.67 6.68
N GLY A 101 -2.67 15.48 7.19
CA GLY A 101 -1.80 14.76 8.17
C GLY A 101 -0.81 13.81 7.53
N GLN A 102 -0.75 13.74 6.20
CA GLN A 102 0.19 12.84 5.44
C GLN A 102 0.98 13.74 4.49
N ALA A 103 1.16 13.40 3.20
CA ALA A 103 2.07 14.19 2.31
C ALA A 103 1.47 15.58 2.02
N ASN A 104 0.14 15.76 2.09
CA ASN A 104 -0.51 17.10 2.12
C ASN A 104 0.00 17.97 0.93
N MET A 105 -0.20 17.50 -0.31
CA MET A 105 0.30 18.12 -1.56
C MET A 105 -0.87 18.42 -2.51
N SER A 106 -0.83 19.55 -3.20
CA SER A 106 -1.66 19.77 -4.40
C SER A 106 -1.24 18.78 -5.52
N VAL A 107 -2.19 18.49 -6.41
CA VAL A 107 -1.94 17.82 -7.72
C VAL A 107 -0.85 18.57 -8.54
N GLU A 108 -0.85 19.91 -8.58
CA GLU A 108 0.14 20.70 -9.37
C GLU A 108 1.54 20.40 -8.84
N THR A 109 1.75 20.44 -7.53
CA THR A 109 3.03 20.12 -6.86
C THR A 109 3.48 18.68 -7.23
N ALA A 110 2.61 17.69 -7.11
CA ALA A 110 2.91 16.27 -7.42
C ALA A 110 3.32 16.16 -8.89
N LEU A 111 2.57 16.78 -9.79
CA LEU A 111 2.89 16.76 -11.26
C LEU A 111 4.21 17.49 -11.50
N ASP A 112 4.44 18.62 -10.83
CA ASP A 112 5.67 19.41 -11.10
C ASP A 112 6.90 18.61 -10.66
N LEU A 113 6.75 17.71 -9.66
CA LEU A 113 7.89 16.89 -9.17
C LEU A 113 8.02 15.62 -10.03
N TRP A 114 7.01 15.28 -10.82
CA TRP A 114 6.90 13.94 -11.47
C TRP A 114 8.11 13.62 -12.36
N PRO A 115 8.61 14.57 -13.18
CA PRO A 115 9.76 14.29 -14.07
C PRO A 115 11.05 13.78 -13.36
N GLN A 116 11.28 14.19 -12.12
CA GLN A 116 12.39 13.71 -11.29
C GLN A 116 12.15 12.21 -10.91
N LEU A 117 10.93 11.80 -10.61
CA LEU A 117 10.68 10.35 -10.32
C LEU A 117 10.77 9.56 -11.63
N GLN A 118 10.26 10.15 -12.71
CA GLN A 118 10.22 9.47 -14.02
C GLN A 118 11.64 9.26 -14.54
N ALA A 119 12.55 10.20 -14.27
CA ALA A 119 13.96 10.16 -14.73
C ALA A 119 14.79 9.05 -14.05
N THR A 120 14.28 8.39 -13.00
CA THR A 120 14.93 7.20 -12.43
C THR A 120 14.83 6.01 -13.40
N GLY A 121 13.78 5.96 -14.22
CA GLY A 121 13.58 4.91 -15.22
C GLY A 121 12.90 3.68 -14.61
N MET A 122 12.61 3.72 -13.28
CA MET A 122 11.97 2.62 -12.53
C MET A 122 10.48 2.55 -12.90
N ARG A 123 9.89 1.34 -12.79
CA ARG A 123 8.41 1.14 -12.89
C ARG A 123 7.80 2.02 -11.79
N LEU A 124 6.84 2.88 -12.15
CA LEU A 124 6.43 4.01 -11.26
C LEU A 124 4.93 3.89 -10.91
N GLY A 125 4.63 3.92 -9.63
CA GLY A 125 3.25 3.94 -9.09
C GLY A 125 2.81 5.36 -8.79
N ALA A 126 1.57 5.65 -9.14
CA ALA A 126 0.85 6.88 -8.81
C ALA A 126 0.98 7.16 -7.31
N PRO A 127 0.84 8.43 -6.88
CA PRO A 127 0.63 8.69 -5.43
C PRO A 127 -0.57 7.85 -4.94
N ALA A 128 -0.53 7.42 -3.67
CA ALA A 128 -1.57 6.56 -3.06
C ALA A 128 -2.57 7.45 -2.30
N VAL A 129 -3.74 7.67 -2.85
CA VAL A 129 -4.70 8.57 -2.17
C VAL A 129 -5.37 7.80 -1.03
N ALA A 130 -5.66 8.50 0.09
CA ALA A 130 -6.46 7.98 1.20
C ALA A 130 -7.84 7.46 0.72
N TYR A 131 -8.58 8.21 -0.07
CA TYR A 131 -9.94 7.79 -0.50
C TYR A 131 -10.27 8.48 -1.81
N GLY A 132 -11.41 8.08 -2.37
CA GLY A 132 -12.06 8.78 -3.48
C GLY A 132 -11.36 8.59 -4.80
N GLY A 133 -10.62 7.48 -5.00
CA GLY A 133 -9.78 7.33 -6.21
C GLY A 133 -10.64 7.26 -7.49
N ASP A 134 -11.85 6.76 -7.38
CA ASP A 134 -12.78 6.68 -8.50
C ASP A 134 -13.64 7.97 -8.67
N THR A 135 -13.57 8.97 -7.78
CA THR A 135 -14.46 10.16 -7.86
C THR A 135 -14.01 11.11 -8.97
N PRO A 136 -14.90 11.48 -9.93
CA PRO A 136 -14.62 12.53 -10.89
C PRO A 136 -14.29 13.84 -10.19
N GLY A 137 -13.14 14.44 -10.54
CA GLY A 137 -12.69 15.73 -9.96
C GLY A 137 -11.96 15.57 -8.65
N GLY A 138 -11.80 14.32 -8.16
CA GLY A 138 -11.05 13.99 -6.93
C GLY A 138 -9.55 14.08 -7.16
N TRP A 139 -8.74 13.90 -6.13
CA TRP A 139 -7.25 14.07 -6.19
C TRP A 139 -6.64 13.16 -7.26
N LEU A 140 -6.92 11.87 -7.21
CA LEU A 140 -6.37 10.94 -8.23
C LEU A 140 -6.84 11.27 -9.66
N ASP A 141 -8.13 11.52 -9.90
CA ASP A 141 -8.69 11.84 -11.24
C ASP A 141 -7.98 13.07 -11.83
N ARG A 142 -7.74 14.09 -11.01
CA ARG A 142 -7.07 15.33 -11.49
C ARG A 142 -5.60 14.99 -11.74
N PHE A 143 -4.93 14.21 -10.87
CA PHE A 143 -3.52 13.77 -11.12
C PHE A 143 -3.45 12.99 -12.46
N MET A 144 -4.29 11.98 -12.66
CA MET A 144 -4.21 11.09 -13.86
C MET A 144 -4.46 11.91 -15.12
N SER A 145 -5.41 12.85 -15.05
CA SER A 145 -5.80 13.69 -16.19
C SER A 145 -4.65 14.67 -16.52
N GLY A 146 -4.02 15.32 -15.54
CA GLY A 146 -2.86 16.19 -15.83
C GLY A 146 -1.66 15.39 -16.33
N ALA A 147 -1.45 14.15 -15.83
CA ALA A 147 -0.31 13.29 -16.27
C ALA A 147 -0.48 12.99 -17.78
N ALA A 148 -1.70 12.67 -18.18
CA ALA A 148 -2.03 12.37 -19.59
C ALA A 148 -1.85 13.65 -20.43
N ALA A 149 -2.28 14.84 -19.96
CA ALA A 149 -2.11 16.08 -20.76
C ALA A 149 -0.62 16.37 -20.95
N ARG A 150 0.23 16.07 -19.95
CA ARG A 150 1.68 16.40 -20.01
C ARG A 150 2.51 15.27 -20.67
N GLY A 151 1.89 14.17 -21.09
CA GLY A 151 2.60 13.03 -21.73
C GLY A 151 3.46 12.25 -20.71
N TYR A 152 3.09 12.27 -19.42
CA TYR A 152 3.83 11.53 -18.37
C TYR A 152 3.46 10.04 -18.39
N ARG A 153 4.36 9.24 -17.81
CA ARG A 153 4.23 7.80 -17.52
C ARG A 153 3.77 7.54 -16.07
N VAL A 154 2.66 6.82 -15.98
CA VAL A 154 2.15 6.20 -14.71
C VAL A 154 1.90 4.70 -14.98
N ASP A 155 2.72 3.83 -14.43
CA ASP A 155 2.73 2.37 -14.75
C ASP A 155 1.60 1.66 -14.01
N PHE A 156 1.29 2.05 -12.76
CA PHE A 156 0.32 1.34 -11.89
C PHE A 156 -0.19 2.34 -10.85
N ILE A 157 -1.34 1.99 -10.30
CA ILE A 157 -1.99 2.80 -9.26
C ILE A 157 -2.06 1.98 -7.96
N PRO A 158 -1.36 2.45 -6.89
CA PRO A 158 -1.59 1.97 -5.54
C PRO A 158 -2.74 2.69 -4.79
N LEU A 159 -3.49 1.88 -4.02
CA LEU A 159 -4.69 2.33 -3.28
C LEU A 159 -4.61 1.91 -1.80
N HIS A 160 -5.33 2.67 -0.99
CA HIS A 160 -5.56 2.45 0.45
C HIS A 160 -7.06 2.24 0.68
N TRP A 161 -7.41 1.31 1.57
CA TRP A 161 -8.84 1.04 1.89
C TRP A 161 -8.98 0.57 3.33
N TYR A 162 -9.83 1.25 4.10
CA TYR A 162 -10.17 0.84 5.49
C TYR A 162 -11.67 0.65 5.63
N GLY A 163 -12.14 -0.58 5.84
CA GLY A 163 -13.59 -0.87 5.92
C GLY A 163 -14.14 -0.62 7.32
N GLY A 164 -15.28 0.08 7.41
CA GLY A 164 -16.04 0.33 8.65
C GLY A 164 -17.21 -0.63 8.86
N ASP A 165 -17.54 -1.51 7.90
CA ASP A 165 -18.55 -2.61 8.05
C ASP A 165 -17.76 -3.90 8.28
N PHE A 166 -17.86 -4.52 9.45
CA PHE A 166 -16.97 -5.64 9.87
C PHE A 166 -17.54 -7.04 9.54
N SER A 167 -18.58 -7.12 8.70
CA SER A 167 -19.32 -8.34 8.29
C SER A 167 -18.60 -9.03 7.10
N ALA A 168 -19.09 -10.22 6.71
CA ALA A 168 -18.66 -10.98 5.52
C ALA A 168 -18.83 -10.15 4.23
N ALA A 169 -19.69 -9.13 4.24
CA ALA A 169 -19.87 -8.15 3.16
C ALA A 169 -18.64 -7.26 2.88
N ALA A 170 -17.68 -7.15 3.77
CA ALA A 170 -16.55 -6.18 3.62
C ALA A 170 -15.73 -6.48 2.37
N THR A 171 -15.41 -7.75 2.11
CA THR A 171 -14.57 -8.16 0.94
C THR A 171 -15.25 -7.65 -0.37
N GLY A 172 -16.59 -7.78 -0.54
CA GLY A 172 -17.29 -7.29 -1.74
C GLY A 172 -17.19 -5.76 -1.88
N GLN A 173 -17.10 -5.02 -0.77
CA GLN A 173 -17.05 -3.54 -0.75
C GLN A 173 -15.64 -3.10 -1.22
N LEU A 174 -14.61 -3.76 -0.72
CA LEU A 174 -13.22 -3.44 -1.11
C LEU A 174 -13.09 -3.70 -2.61
N GLN A 175 -13.61 -4.83 -3.04
CA GLN A 175 -13.54 -5.19 -4.47
C GLN A 175 -14.24 -4.17 -5.40
N SER A 176 -15.45 -3.70 -5.07
CA SER A 176 -16.14 -2.58 -5.79
C SER A 176 -15.24 -1.36 -5.94
N TYR A 177 -14.47 -1.03 -4.90
CA TYR A 177 -13.59 0.17 -4.94
C TYR A 177 -12.45 -0.11 -5.92
N LEU A 178 -11.84 -1.31 -5.84
CA LEU A 178 -10.66 -1.55 -6.68
C LEU A 178 -11.11 -1.56 -8.16
N GLN A 179 -12.29 -2.12 -8.42
CA GLN A 179 -12.85 -2.31 -9.77
C GLN A 179 -13.21 -0.92 -10.34
N ALA A 180 -13.82 -0.05 -9.54
CA ALA A 180 -14.13 1.34 -9.92
C ALA A 180 -12.85 2.09 -10.40
N VAL A 181 -11.74 1.97 -9.65
CA VAL A 181 -10.50 2.72 -9.97
C VAL A 181 -9.84 2.06 -11.21
N TYR A 182 -9.79 0.74 -11.26
CA TYR A 182 -9.27 -0.01 -12.41
C TYR A 182 -10.02 0.42 -13.66
N ASN A 183 -11.36 0.49 -13.63
CA ASN A 183 -12.15 0.80 -14.83
C ASN A 183 -11.93 2.25 -15.28
N ARG A 184 -11.78 3.21 -14.38
CA ARG A 184 -11.70 4.61 -14.79
C ARG A 184 -10.35 4.89 -15.49
N TYR A 185 -9.24 4.29 -15.03
CA TYR A 185 -7.86 4.69 -15.48
C TYR A 185 -7.15 3.61 -16.30
N HIS A 186 -7.64 2.37 -16.27
CA HIS A 186 -7.01 1.22 -17.01
C HIS A 186 -5.50 1.12 -16.68
N ARG A 187 -5.13 1.03 -15.41
CA ARG A 187 -3.75 0.66 -14.95
C ARG A 187 -3.86 -0.52 -13.99
N PRO A 188 -2.82 -1.38 -13.91
CA PRO A 188 -2.74 -2.42 -12.90
C PRO A 188 -2.88 -1.75 -11.54
N ILE A 189 -3.55 -2.44 -10.63
CA ILE A 189 -3.80 -1.96 -9.25
C ILE A 189 -2.84 -2.67 -8.25
N TRP A 190 -2.32 -1.90 -7.31
CA TRP A 190 -1.76 -2.40 -6.03
C TRP A 190 -2.62 -1.89 -4.87
N LEU A 191 -2.88 -2.77 -3.89
CA LEU A 191 -3.48 -2.38 -2.60
C LEU A 191 -2.37 -2.28 -1.53
N THR A 192 -1.82 -1.09 -1.33
CA THR A 192 -0.61 -0.93 -0.49
C THR A 192 -0.91 -0.75 1.02
N ALA A 193 -2.16 -0.55 1.40
CA ALA A 193 -2.58 -0.48 2.82
C ALA A 193 -4.07 -0.82 2.85
N TYR A 194 -4.43 -1.83 3.65
CA TYR A 194 -5.84 -2.12 3.94
C TYR A 194 -5.98 -2.94 5.22
N ALA A 195 -7.17 -2.80 5.79
CA ALA A 195 -7.62 -3.53 6.99
C ALA A 195 -9.08 -3.16 7.23
N LEU A 196 -9.68 -3.74 8.28
CA LEU A 196 -10.96 -3.19 8.82
C LEU A 196 -10.61 -2.15 9.90
N THR A 197 -10.96 -0.87 9.65
CA THR A 197 -10.87 0.22 10.63
C THR A 197 -11.93 1.24 10.30
N ASP A 198 -12.71 1.66 11.30
CA ASP A 198 -13.72 2.75 11.15
C ASP A 198 -13.12 4.01 11.73
N PHE A 199 -12.81 4.96 10.84
CA PHE A 199 -12.21 6.27 11.15
C PHE A 199 -13.27 7.37 11.19
N SER A 200 -14.55 7.03 11.23
CA SER A 200 -15.66 8.01 11.14
C SER A 200 -15.92 8.64 12.51
N GLY A 201 -15.61 7.92 13.60
CA GLY A 201 -15.84 8.35 14.99
C GLY A 201 -14.72 9.22 15.51
N SER A 202 -14.72 9.52 16.82
CA SER A 202 -13.74 10.47 17.44
C SER A 202 -12.36 9.82 17.50
N THR A 203 -12.31 8.52 17.78
CA THR A 203 -11.09 7.69 17.65
C THR A 203 -11.39 6.44 16.82
N PRO A 204 -10.32 5.78 16.33
CA PRO A 204 -10.49 4.58 15.51
C PRO A 204 -11.30 3.49 16.23
N ARG A 205 -12.17 2.81 15.46
CA ARG A 205 -12.87 1.59 15.93
CA ARG A 205 -12.96 1.60 15.88
C ARG A 205 -12.39 0.35 15.16
N TYR A 206 -12.16 -0.76 15.89
CA TYR A 206 -11.55 -2.01 15.35
C TYR A 206 -12.50 -3.18 15.47
N PRO A 207 -12.34 -4.20 14.60
CA PRO A 207 -13.09 -5.46 14.71
C PRO A 207 -12.59 -6.36 15.84
N SER A 208 -13.39 -7.33 16.23
CA SER A 208 -12.93 -8.42 17.10
C SER A 208 -11.83 -9.20 16.39
N ALA A 209 -11.06 -9.96 17.15
CA ALA A 209 -9.97 -10.80 16.61
C ALA A 209 -10.54 -11.79 15.59
N ALA A 210 -11.66 -12.45 15.89
CA ALA A 210 -12.27 -13.46 15.01
C ALA A 210 -12.75 -12.77 13.74
N GLU A 211 -13.36 -11.57 13.85
CA GLU A 211 -13.81 -10.80 12.64
C GLU A 211 -12.61 -10.40 11.77
N GLN A 212 -11.54 -9.93 12.38
CA GLN A 212 -10.33 -9.57 11.58
C GLN A 212 -9.72 -10.79 10.87
N ALA A 213 -9.61 -11.94 11.55
CA ALA A 213 -9.04 -13.18 10.93
C ALA A 213 -9.90 -13.63 9.73
N ASP A 214 -11.23 -13.61 9.88
CA ASP A 214 -12.12 -14.09 8.83
C ASP A 214 -11.95 -13.17 7.62
N PHE A 215 -11.86 -11.86 7.84
CA PHE A 215 -11.72 -10.89 6.73
C PHE A 215 -10.39 -11.11 5.99
N VAL A 216 -9.32 -11.34 6.72
CA VAL A 216 -7.96 -11.67 6.15
C VAL A 216 -8.18 -12.84 5.18
N SER A 217 -8.82 -13.89 5.63
CA SER A 217 -9.05 -15.10 4.79
C SER A 217 -9.89 -14.77 3.54
N ARG A 218 -11.04 -14.12 3.71
CA ARG A 218 -11.93 -13.82 2.56
C ARG A 218 -11.26 -12.79 1.63
N SER A 219 -10.65 -11.72 2.17
CA SER A 219 -10.03 -10.66 1.33
C SER A 219 -8.87 -11.18 0.45
N THR A 220 -7.97 -11.97 1.03
CA THR A 220 -6.77 -12.50 0.30
C THR A 220 -7.26 -13.45 -0.78
N ALA A 221 -8.30 -14.26 -0.54
CA ALA A 221 -8.79 -15.19 -1.58
C ALA A 221 -9.34 -14.34 -2.75
N MET A 222 -10.14 -13.30 -2.44
CA MET A 222 -10.71 -12.41 -3.47
C MET A 222 -9.55 -11.77 -4.26
N LEU A 223 -8.56 -11.21 -3.57
CA LEU A 223 -7.48 -10.43 -4.21
C LEU A 223 -6.59 -11.33 -5.10
N ASN A 224 -6.34 -12.55 -4.65
CA ASN A 224 -5.55 -13.57 -5.38
C ASN A 224 -6.21 -13.87 -6.73
N GLY A 225 -7.55 -13.88 -6.82
CA GLY A 225 -8.22 -14.24 -8.08
C GLY A 225 -8.50 -13.00 -8.92
N LEU A 226 -8.28 -11.80 -8.41
CA LEU A 226 -8.73 -10.59 -9.12
C LEU A 226 -7.60 -10.19 -10.06
N SER A 227 -7.77 -10.45 -11.36
CA SER A 227 -6.61 -10.50 -12.30
C SER A 227 -5.95 -9.15 -12.53
N PHE A 228 -6.57 -8.00 -12.28
CA PHE A 228 -5.91 -6.66 -12.51
C PHE A 228 -5.19 -6.18 -11.24
N VAL A 229 -5.34 -6.90 -10.11
CA VAL A 229 -4.52 -6.64 -8.89
C VAL A 229 -3.20 -7.41 -8.99
N GLU A 230 -2.10 -6.66 -9.01
CA GLU A 230 -0.71 -7.20 -9.10
C GLU A 230 -0.14 -7.54 -7.69
N ARG A 231 -0.42 -6.69 -6.69
CA ARG A 231 0.18 -6.82 -5.34
C ARG A 231 -0.81 -6.28 -4.28
N TYR A 232 -0.74 -6.81 -3.04
CA TYR A 232 -1.48 -6.28 -1.86
C TYR A 232 -0.62 -6.38 -0.59
N ALA A 233 -0.94 -5.52 0.39
CA ALA A 233 -0.18 -5.27 1.63
C ALA A 233 -1.15 -4.86 2.75
N TRP A 234 -1.40 -5.85 3.60
CA TRP A 234 -2.13 -5.66 4.86
C TRP A 234 -1.42 -4.57 5.64
N PHE A 235 -2.20 -3.73 6.32
CA PHE A 235 -1.66 -2.70 7.26
C PHE A 235 -1.88 -3.25 8.65
N SER A 236 -0.83 -3.62 9.39
CA SER A 236 0.55 -3.70 9.01
C SER A 236 1.16 -4.98 9.65
N LEU A 237 2.46 -5.23 9.47
CA LEU A 237 3.10 -6.49 9.95
C LEU A 237 2.98 -6.58 11.49
N SER A 238 3.26 -5.50 12.20
CA SER A 238 3.52 -5.50 13.66
C SER A 238 2.43 -4.75 14.45
N THR A 239 2.03 -5.34 15.58
CA THR A 239 1.15 -4.67 16.55
C THR A 239 1.85 -3.50 17.25
N SER A 240 3.17 -3.30 17.15
CA SER A 240 3.83 -2.06 17.65
C SER A 240 3.49 -0.88 16.72
N THR A 241 3.15 -1.14 15.47
CA THR A 241 2.71 -0.10 14.50
C THR A 241 1.21 0.18 14.65
N THR A 242 0.35 -0.83 14.84
CA THR A 242 -1.11 -0.60 14.75
C THR A 242 -1.83 -1.73 15.48
N PRO A 243 -3.02 -1.46 16.07
CA PRO A 243 -3.86 -2.52 16.64
C PRO A 243 -4.27 -3.60 15.63
N THR A 244 -4.22 -3.31 14.32
CA THR A 244 -4.50 -4.28 13.25
C THR A 244 -3.24 -5.10 12.88
N GLY A 245 -2.17 -5.10 13.68
CA GLY A 245 -0.91 -5.83 13.40
C GLY A 245 -1.12 -7.34 13.37
N LEU A 246 -0.31 -8.02 12.55
CA LEU A 246 -0.37 -9.50 12.33
C LEU A 246 0.48 -10.29 13.36
N TYR A 247 1.61 -9.71 13.76
CA TYR A 247 2.65 -10.26 14.66
C TYR A 247 2.83 -9.33 15.88
N THR A 248 3.01 -9.94 17.06
CA THR A 248 3.70 -9.28 18.21
C THR A 248 5.09 -9.91 18.33
N GLY A 249 6.13 -9.10 18.14
CA GLY A 249 7.51 -9.59 17.94
C GLY A 249 7.51 -10.62 16.85
N THR A 250 8.00 -11.83 17.10
CA THR A 250 7.97 -12.91 16.10
C THR A 250 6.76 -13.81 16.31
N THR A 251 5.75 -13.45 17.12
CA THR A 251 4.60 -14.38 17.28
C THR A 251 3.40 -13.87 16.53
N PRO A 252 2.86 -14.67 15.58
CA PRO A 252 1.66 -14.29 14.85
C PRO A 252 0.43 -14.44 15.76
N ASN A 253 -0.56 -13.57 15.56
CA ASN A 253 -1.88 -13.74 16.18
C ASN A 253 -2.74 -14.49 15.16
N SER A 254 -4.05 -14.63 15.42
CA SER A 254 -4.94 -15.41 14.50
C SER A 254 -5.01 -14.73 13.12
N SER A 255 -4.89 -13.40 13.04
CA SER A 255 -4.84 -12.68 11.73
C SER A 255 -3.51 -12.99 10.98
N GLY A 256 -2.39 -12.93 11.69
CA GLY A 256 -1.06 -13.37 11.18
C GLY A 256 -1.10 -14.79 10.63
N VAL A 257 -1.78 -15.68 11.33
CA VAL A 257 -1.89 -17.09 10.90
C VAL A 257 -2.65 -17.14 9.56
N ALA A 258 -3.76 -16.41 9.48
CA ALA A 258 -4.65 -16.36 8.28
C ALA A 258 -3.88 -15.72 7.10
N TYR A 259 -3.04 -14.72 7.35
CA TYR A 259 -2.27 -14.07 6.27
C TYR A 259 -1.15 -15.00 5.78
N ARG A 260 -0.49 -15.68 6.70
CA ARG A 260 0.54 -16.71 6.35
C ARG A 260 -0.06 -17.84 5.47
N ALA A 261 -1.28 -18.26 5.75
CA ALA A 261 -1.95 -19.36 5.00
C ALA A 261 -2.40 -18.86 3.60
N ALA A 262 -2.51 -17.56 3.36
CA ALA A 262 -3.02 -17.02 2.06
C ALA A 262 -2.03 -17.35 0.91
N GLY A 263 -2.52 -17.71 -0.26
CA GLY A 263 -1.67 -18.06 -1.43
C GLY A 263 -0.95 -16.84 -2.00
C1 GLC B . -2.66 5.16 6.05
C2 GLC B . -1.30 5.88 6.12
C3 GLC B . -0.53 5.53 7.41
C4 GLC B . -1.48 5.55 8.64
C5 GLC B . -2.65 4.60 8.39
C6 GLC B . -3.59 4.49 9.59
O1 GLC B . -2.44 3.81 5.66
O2 GLC B . -0.44 5.54 5.00
O3 GLC B . 0.52 6.47 7.51
O4 GLC B . -0.78 5.18 9.82
O5 GLC B . -3.37 5.19 7.30
O6 GLC B . -4.08 5.81 9.90
C2 BGC B . 2.82 7.03 7.73
C3 BGC B . 4.23 6.52 8.01
C4 BGC B . 4.19 5.57 9.20
C5 BGC B . 3.15 4.48 9.00
C6 BGC B . 3.12 3.47 10.15
C1 BGC B . 1.81 5.88 7.65
O2 BGC B . 2.80 7.85 6.56
O3 BGC B . 5.02 7.68 8.27
O4 BGC B . 5.47 5.00 9.45
O5 BGC B . 1.87 5.09 8.85
O6 BGC B . 3.05 4.18 11.42
C2 BGC B . 6.83 9.16 7.79
C3 BGC B . 8.16 9.28 7.07
C4 BGC B . 9.10 8.18 7.52
C5 BGC B . 8.43 6.82 7.32
C6 BGC B . 9.26 5.66 7.87
C1 BGC B . 6.25 7.79 7.55
O2 BGC B . 5.95 10.19 7.34
O3 BGC B . 8.74 10.53 7.38
O4 BGC B . 10.30 8.26 6.76
O5 BGC B . 7.16 6.78 7.98
O6 BGC B . 9.48 5.82 9.27
C2 BGC B . 8.31 12.85 7.24
C3 BGC B . 8.32 14.10 6.33
C4 BGC B . 9.61 14.18 5.55
C5 BGC B . 9.86 12.86 4.82
C6 BGC B . 11.20 12.86 4.07
C1 BGC B . 8.61 11.59 6.44
O2 BGC B . 7.05 12.61 7.85
O3 BGC B . 8.15 15.37 7.02
O4 BGC B . 9.54 15.25 4.60
O5 BGC B . 9.85 11.75 5.72
O6 BGC B . 11.37 11.56 3.45
C2 BGC B . 6.51 16.74 8.23
C3 BGC B . 5.05 17.18 8.27
C4 BGC B . 4.65 17.73 6.91
C5 BGC B . 4.88 16.63 5.87
C6 BGC B . 4.57 17.15 4.48
C1 BGC B . 6.75 15.70 7.12
O2 BGC B . 6.86 16.25 9.52
O3 BGC B . 4.89 18.17 9.30
O4 BGC B . 3.28 18.19 6.89
O5 BGC B . 6.26 16.20 5.86
O6 BGC B . 5.67 18.04 4.20
C2 BGC C . -6.64 7.05 5.72
C3 BGC C . -5.89 7.19 7.05
C4 BGC C . -6.55 8.21 7.98
C5 BGC C . -8.08 8.19 7.98
C6 BGC C . -8.71 9.43 8.61
C1 BGC C . -8.14 6.87 6.06
O1 BGC C . -9.05 6.60 4.98
O2 BGC C . -6.05 5.99 4.94
O3 BGC C . -4.53 7.63 6.87
O4 BGC C . -5.98 7.98 9.27
O5 BGC C . -8.54 8.12 6.65
O6 BGC C . -7.86 9.78 9.71
ZN ZN D . 3.34 24.07 -11.93
C1 PEG E . -11.50 9.68 -18.27
O1 PEG E . -12.87 9.78 -17.89
C2 PEG E . -10.74 8.86 -17.29
O2 PEG E . -9.56 9.56 -16.90
C3 PEG E . -8.43 9.30 -17.73
C4 PEG E . -7.43 10.41 -17.58
O4 PEG E . -7.36 11.23 -18.74
#